data_3FX4
#
_entry.id   3FX4
#
_cell.length_a   67.350
_cell.length_b   67.350
_cell.length_c   246.250
_cell.angle_alpha   90.00
_cell.angle_beta   90.00
_cell.angle_gamma   120.00
#
_symmetry.space_group_name_H-M   'P 65 2 2'
#
loop_
_entity.id
_entity.type
_entity.pdbx_description
1 polymer 'Alcohol dehydrogenase [NADP+]'
2 non-polymer 'SULFATE ION'
3 non-polymer 'NADP NICOTINAMIDE-ADENINE-DINUCLEOTIDE PHOSPHATE'
4 non-polymer '[(5Z)-5-{[3-(carboxymethoxy)-4-methoxyphenyl]methylidene}-2,4-dioxo-1,3-thiazolidin-3-yl]acetic acid'
5 water water
#
_entity_poly.entity_id   1
_entity_poly.type   'polypeptide(L)'
_entity_poly.pdbx_seq_one_letter_code
;MAASCVLLHTGQKMPLIGLGTWKSEPGQVKAAIKYALTVGYRHIDCAAIYGNELEIGEALQETVGPGKAVPREELFVTSK
LWNTKHHPEDVEPALRKTLADLQLEYLDLYLMHWPYAFERGDNPFPKNADGTIRYDATHYKDTWKALEALVAKGLVRALG
LSNFSSRQIDDVLSVASVRPAVLQVECHPYLAQNELIAHCQARGLEVTAYSPLGSSDRAWRDPNEPVLLEEPVVQALAEK
YNRSPAQILLRWQVQRKVICIPKSVTPSRILQNIQVFDFTFSPEEMKQLDALNKNLRFIVPMLTVDGKRVPRDAGHPLYP
FNDPY
;
_entity_poly.pdbx_strand_id   A
#
# COMPACT_ATOMS: atom_id res chain seq x y z
N MET A 1 3.88 -2.87 20.59
CA MET A 1 3.62 -3.39 19.23
C MET A 1 2.98 -4.75 19.31
N ALA A 2 1.78 -4.88 18.75
CA ALA A 2 1.07 -6.15 18.71
C ALA A 2 1.59 -7.11 17.60
N ALA A 3 2.06 -6.54 16.49
CA ALA A 3 2.50 -7.33 15.33
C ALA A 3 4.00 -7.60 15.37
N SER A 4 4.42 -8.70 14.73
CA SER A 4 5.83 -8.96 14.48
CA SER A 4 5.84 -8.95 14.49
C SER A 4 6.27 -8.18 13.24
N CYS A 5 7.58 -8.13 12.98
CA CYS A 5 8.11 -7.35 11.88
C CYS A 5 8.91 -8.19 10.84
N VAL A 6 9.25 -7.56 9.74
CA VAL A 6 10.30 -8.00 8.83
C VAL A 6 11.40 -6.95 8.82
N LEU A 7 12.60 -7.38 8.53
CA LEU A 7 13.72 -6.46 8.48
C LEU A 7 13.94 -5.99 7.04
N LEU A 8 13.82 -4.69 6.81
CA LEU A 8 14.14 -4.08 5.50
C LEU A 8 15.66 -4.06 5.32
N HIS A 9 16.13 -3.94 4.08
CA HIS A 9 17.60 -3.90 3.83
C HIS A 9 18.28 -2.69 4.48
N THR A 10 17.48 -1.69 4.83
CA THR A 10 18.02 -0.48 5.46
C THR A 10 18.36 -0.72 6.92
N GLY A 11 17.81 -1.79 7.49
CA GLY A 11 17.92 -2.04 8.93
C GLY A 11 16.64 -1.72 9.69
N GLN A 12 15.68 -1.06 9.04
CA GLN A 12 14.37 -0.76 9.64
C GLN A 12 13.54 -2.00 9.88
N LYS A 13 12.84 -2.03 11.01
CA LYS A 13 11.86 -3.09 11.26
C LYS A 13 10.50 -2.60 10.81
N MET A 14 9.88 -3.33 9.87
CA MET A 14 8.56 -2.98 9.35
C MET A 14 7.50 -3.97 9.88
N PRO A 15 6.55 -3.49 10.73
CA PRO A 15 5.49 -4.39 11.23
C PRO A 15 4.73 -5.06 10.08
N LEU A 16 4.47 -6.36 10.22
CA LEU A 16 3.87 -7.16 9.16
C LEU A 16 2.40 -6.83 8.97
N ILE A 17 1.83 -6.13 9.95
CA ILE A 17 0.48 -5.57 9.84
C ILE A 17 0.52 -4.05 10.03
N GLY A 18 -0.06 -3.35 9.06
CA GLY A 18 -0.27 -1.90 9.15
C GLY A 18 -1.73 -1.58 8.88
N LEU A 19 -2.15 -0.37 9.27
CA LEU A 19 -3.50 0.12 9.06
C LEU A 19 -3.61 0.86 7.75
N GLY A 20 -4.39 0.33 6.80
CA GLY A 20 -4.72 1.03 5.56
C GLY A 20 -5.69 2.17 5.82
N THR A 21 -5.62 3.24 5.02
CA THR A 21 -6.40 4.46 5.26
C THR A 21 -7.13 4.98 4.02
N TRP A 22 -7.07 4.25 2.91
CA TRP A 22 -7.85 4.59 1.72
C TRP A 22 -9.35 4.46 2.01
N LYS A 23 -10.06 5.57 1.82
CA LYS A 23 -11.53 5.65 2.03
C LYS A 23 -11.90 5.80 3.50
N SER A 24 -10.90 5.87 4.37
CA SER A 24 -11.13 6.33 5.74
C SER A 24 -11.21 7.84 5.71
N GLU A 25 -12.43 8.35 5.87
CA GLU A 25 -12.73 9.77 5.59
C GLU A 25 -12.35 10.74 6.71
N PRO A 26 -12.11 12.02 6.34
CA PRO A 26 -12.06 13.03 7.41
C PRO A 26 -13.38 12.98 8.17
N GLY A 27 -13.27 12.97 9.50
CA GLY A 27 -14.43 12.78 10.35
C GLY A 27 -14.59 11.39 10.90
N GLN A 28 -13.85 10.42 10.33
CA GLN A 28 -13.73 9.08 10.94
C GLN A 28 -12.25 8.62 11.13
N VAL A 29 -11.33 9.06 10.27
CA VAL A 29 -9.96 8.51 10.27
C VAL A 29 -9.18 8.79 11.55
N LYS A 30 -9.43 9.93 12.19
CA LYS A 30 -8.76 10.28 13.43
C LYS A 30 -9.00 9.24 14.52
N ALA A 31 -10.26 8.79 14.64
CA ALA A 31 -10.66 7.80 15.62
C ALA A 31 -10.05 6.45 15.29
N ALA A 32 -10.05 6.12 13.99
CA ALA A 32 -9.43 4.85 13.53
C ALA A 32 -7.94 4.78 13.83
N ILE A 33 -7.21 5.86 13.56
CA ILE A 33 -5.76 5.95 13.84
C ILE A 33 -5.46 5.77 15.34
N LYS A 34 -6.24 6.42 16.19
CA LYS A 34 -6.03 6.42 17.64
C LYS A 34 -6.35 5.08 18.27
N TYR A 35 -7.44 4.47 17.79
CA TYR A 35 -7.79 3.14 18.24
C TYR A 35 -6.69 2.12 17.85
N ALA A 36 -6.32 2.11 16.57
CA ALA A 36 -5.24 1.25 16.06
C ALA A 36 -3.92 1.37 16.87
N LEU A 37 -3.45 2.58 17.09
CA LEU A 37 -2.24 2.79 17.88
C LEU A 37 -2.40 2.28 19.33
N THR A 38 -3.59 2.49 19.89
CA THR A 38 -3.86 2.09 21.29
C THR A 38 -3.84 0.57 21.44
N VAL A 39 -4.42 -0.14 20.49
CA VAL A 39 -4.42 -1.61 20.54
C VAL A 39 -3.14 -2.26 19.97
N GLY A 40 -2.19 -1.46 19.53
CA GLY A 40 -0.81 -1.93 19.28
C GLY A 40 -0.25 -1.79 17.86
N TYR A 41 -1.01 -1.21 16.94
CA TYR A 41 -0.50 -0.94 15.59
C TYR A 41 0.66 0.04 15.70
N ARG A 42 1.71 -0.23 14.93
CA ARG A 42 2.86 0.66 14.88
C ARG A 42 3.28 0.86 13.43
N HIS A 43 2.30 0.81 12.53
CA HIS A 43 2.51 0.93 11.08
C HIS A 43 1.22 1.53 10.49
N ILE A 44 1.33 2.72 9.90
CA ILE A 44 0.21 3.33 9.17
C ILE A 44 0.58 3.53 7.70
N ASP A 45 -0.30 3.09 6.79
CA ASP A 45 -0.15 3.34 5.37
C ASP A 45 -1.06 4.49 4.94
N CYS A 46 -0.44 5.53 4.38
CA CYS A 46 -1.13 6.76 3.94
C CYS A 46 -0.79 7.10 2.49
N ALA A 47 -1.49 8.10 1.94
CA ALA A 47 -1.13 8.68 0.63
C ALA A 47 -1.80 10.03 0.48
N ALA A 48 -1.08 10.97 -0.12
CA ALA A 48 -1.61 12.30 -0.40
C ALA A 48 -2.97 12.26 -1.10
N ILE A 49 -3.14 11.27 -1.97
CA ILE A 49 -4.29 11.16 -2.86
C ILE A 49 -5.54 10.69 -2.11
N TYR A 50 -5.36 10.11 -0.93
CA TYR A 50 -6.50 9.61 -0.14
C TYR A 50 -7.31 10.72 0.52
N GLY A 51 -6.74 11.93 0.56
CA GLY A 51 -7.43 13.14 0.95
C GLY A 51 -7.68 13.27 2.44
N ASN A 52 -6.85 12.62 3.24
CA ASN A 52 -7.11 12.50 4.67
C ASN A 52 -5.86 12.65 5.53
N GLU A 53 -4.73 13.01 4.90
CA GLU A 53 -3.48 13.18 5.65
C GLU A 53 -3.53 14.30 6.68
N LEU A 54 -4.31 15.34 6.40
CA LEU A 54 -4.45 16.46 7.34
C LEU A 54 -5.06 16.00 8.68
N GLU A 55 -6.08 15.17 8.57
CA GLU A 55 -6.78 14.61 9.73
C GLU A 55 -5.92 13.51 10.38
N ILE A 56 -5.32 12.61 9.58
CA ILE A 56 -4.36 11.65 10.13
C ILE A 56 -3.29 12.37 10.95
N GLY A 57 -2.76 13.47 10.40
CA GLY A 57 -1.79 14.32 11.11
C GLY A 57 -2.18 14.84 12.48
N GLU A 58 -3.46 15.20 12.64
CA GLU A 58 -3.96 15.65 13.94
C GLU A 58 -3.94 14.54 14.99
N ALA A 59 -4.38 13.35 14.58
CA ALA A 59 -4.30 12.13 15.42
C ALA A 59 -2.86 11.78 15.85
N LEU A 60 -1.92 11.86 14.92
CA LEU A 60 -0.53 11.54 15.21
C LEU A 60 0.07 12.55 16.18
N GLN A 61 -0.29 13.82 16.03
CA GLN A 61 0.19 14.89 16.91
C GLN A 61 -0.29 14.71 18.36
N GLU A 62 -1.51 14.20 18.52
CA GLU A 62 -2.09 13.95 19.83
C GLU A 62 -1.41 12.76 20.50
N THR A 63 -1.10 11.75 19.69
CA THR A 63 -0.82 10.41 20.18
C THR A 63 0.66 10.00 20.12
N VAL A 64 1.41 10.62 19.22
CA VAL A 64 2.75 10.17 18.87
C VAL A 64 3.77 11.29 19.08
N GLY A 65 4.86 10.98 19.78
CA GLY A 65 5.93 11.94 19.99
C GLY A 65 6.27 12.20 21.45
N PRO A 66 7.17 13.17 21.70
CA PRO A 66 7.62 13.43 23.07
C PRO A 66 6.48 13.87 23.98
N GLY A 67 6.36 13.21 25.12
CA GLY A 67 5.28 13.48 26.07
C GLY A 67 3.94 12.89 25.66
N LYS A 68 3.92 12.09 24.60
CA LYS A 68 2.69 11.47 24.13
C LYS A 68 2.70 9.97 24.38
N ALA A 69 1.60 9.31 24.02
CA ALA A 69 1.41 7.90 24.35
C ALA A 69 2.28 6.92 23.53
N VAL A 70 2.71 7.35 22.34
CA VAL A 70 3.58 6.52 21.48
C VAL A 70 4.84 7.29 21.04
N PRO A 71 6.05 6.76 21.30
CA PRO A 71 7.28 7.40 20.80
C PRO A 71 7.33 7.41 19.26
N ARG A 72 7.72 8.52 18.66
CA ARG A 72 7.84 8.58 17.20
C ARG A 72 8.74 7.45 16.59
N GLU A 73 9.84 7.12 17.23
CA GLU A 73 10.77 6.12 16.70
C GLU A 73 10.15 4.72 16.62
N GLU A 74 9.11 4.50 17.41
CA GLU A 74 8.41 3.21 17.42
C GLU A 74 7.31 3.11 16.36
N LEU A 75 7.06 4.22 15.66
CA LEU A 75 6.01 4.24 14.65
C LEU A 75 6.57 4.21 13.24
N PHE A 76 5.95 3.39 12.39
CA PHE A 76 6.31 3.29 10.96
C PHE A 76 5.20 3.94 10.12
N VAL A 77 5.56 5.04 9.44
CA VAL A 77 4.61 5.76 8.61
C VAL A 77 5.06 5.69 7.17
N THR A 78 4.16 5.22 6.31
CA THR A 78 4.33 5.24 4.86
C THR A 78 3.43 6.31 4.25
N SER A 79 3.99 7.12 3.34
CA SER A 79 3.14 7.82 2.34
C SER A 79 3.58 7.53 0.88
N LYS A 80 2.88 8.14 -0.09
CA LYS A 80 3.11 7.89 -1.50
C LYS A 80 3.07 9.20 -2.30
N LEU A 81 3.97 9.32 -3.27
CA LEU A 81 4.02 10.46 -4.23
C LEU A 81 2.98 10.28 -5.33
N TRP A 82 2.05 11.23 -5.46
CA TRP A 82 0.99 11.10 -6.46
C TRP A 82 1.47 11.42 -7.89
N ASN A 83 0.71 10.94 -8.87
CA ASN A 83 1.04 10.94 -10.30
C ASN A 83 1.37 12.30 -10.94
N THR A 84 0.74 13.35 -10.43
CA THR A 84 0.96 14.73 -10.90
C THR A 84 2.28 15.33 -10.39
N LYS A 85 2.99 14.60 -9.53
CA LYS A 85 4.16 15.14 -8.86
C LYS A 85 5.44 14.38 -9.20
N HIS A 86 5.48 13.82 -10.40
CA HIS A 86 6.63 13.05 -10.91
C HIS A 86 7.79 13.93 -11.42
N HIS A 87 7.51 15.19 -11.71
CA HIS A 87 8.59 16.08 -12.15
C HIS A 87 9.61 16.29 -11.04
N PRO A 88 10.91 16.09 -11.33
CA PRO A 88 11.99 16.33 -10.36
C PRO A 88 11.84 17.58 -9.49
N GLU A 89 11.36 18.69 -10.07
CA GLU A 89 11.10 19.94 -9.32
C GLU A 89 9.92 19.84 -8.33
N ASP A 90 8.98 18.95 -8.59
CA ASP A 90 7.76 18.88 -7.77
C ASP A 90 7.83 17.83 -6.64
N VAL A 91 8.86 16.98 -6.68
CA VAL A 91 9.00 15.88 -5.73
C VAL A 91 9.14 16.38 -4.28
N GLU A 92 10.12 17.25 -4.01
CA GLU A 92 10.29 17.82 -2.66
C GLU A 92 9.08 18.61 -2.12
N PRO A 93 8.54 19.56 -2.89
CA PRO A 93 7.31 20.21 -2.41
C PRO A 93 6.16 19.24 -2.11
N ALA A 94 5.95 18.21 -2.94
CA ALA A 94 4.93 17.20 -2.67
C ALA A 94 5.17 16.49 -1.32
N LEU A 95 6.38 16.08 -1.08
CA LEU A 95 6.72 15.42 0.18
C LEU A 95 6.56 16.34 1.39
N ARG A 96 7.05 17.55 1.28
CA ARG A 96 6.96 18.54 2.36
C ARG A 96 5.51 18.90 2.70
N LYS A 97 4.62 18.92 1.70
CA LYS A 97 3.18 19.06 1.94
C LYS A 97 2.60 17.86 2.74
N THR A 98 2.99 16.64 2.35
CA THR A 98 2.61 15.44 3.10
C THR A 98 3.14 15.46 4.54
N LEU A 99 4.42 15.82 4.73
CA LEU A 99 4.96 15.98 6.08
C LEU A 99 4.19 17.03 6.90
N ALA A 100 3.87 18.16 6.29
CA ALA A 100 3.07 19.23 6.93
C ALA A 100 1.69 18.75 7.36
N ASP A 101 0.94 18.16 6.44
CA ASP A 101 -0.38 17.60 6.74
C ASP A 101 -0.31 16.54 7.85
N LEU A 102 0.68 15.65 7.79
CA LEU A 102 0.86 14.57 8.77
C LEU A 102 1.47 15.08 10.08
N GLN A 103 1.94 16.32 10.05
CA GLN A 103 2.66 16.96 11.15
C GLN A 103 3.85 16.11 11.61
N LEU A 104 4.60 15.60 10.64
CA LEU A 104 5.78 14.79 10.92
C LEU A 104 7.03 15.47 10.41
N GLU A 105 8.17 15.04 10.95
CA GLU A 105 9.43 15.63 10.54
C GLU A 105 10.09 14.77 9.45
N TYR A 106 9.60 13.54 9.29
CA TYR A 106 10.13 12.56 8.35
C TYR A 106 9.14 11.41 8.13
N LEU A 107 9.22 10.75 6.97
CA LEU A 107 8.52 9.49 6.78
C LEU A 107 9.48 8.31 6.92
N ASP A 108 8.96 7.17 7.34
CA ASP A 108 9.76 5.94 7.35
C ASP A 108 9.86 5.30 5.95
N LEU A 109 8.87 5.59 5.11
CA LEU A 109 8.82 5.04 3.77
C LEU A 109 8.00 5.97 2.89
N TYR A 110 8.55 6.27 1.72
CA TYR A 110 7.87 7.08 0.67
C TYR A 110 7.89 6.32 -0.64
N LEU A 111 6.71 6.06 -1.22
CA LEU A 111 6.59 5.22 -2.44
C LEU A 111 6.19 6.03 -3.67
N MET A 112 6.69 5.65 -4.84
CA MET A 112 6.14 6.19 -6.07
C MET A 112 4.81 5.45 -6.35
N HIS A 113 3.67 6.16 -6.22
CA HIS A 113 2.34 5.53 -6.29
C HIS A 113 2.10 4.71 -7.57
N TRP A 114 2.46 5.29 -8.72
CA TRP A 114 2.36 4.65 -10.04
C TRP A 114 3.66 4.89 -10.85
N PRO A 115 4.01 4.00 -11.78
CA PRO A 115 5.17 4.33 -12.66
C PRO A 115 4.98 5.49 -13.67
N TYR A 116 3.74 5.74 -14.07
CA TYR A 116 3.47 6.79 -15.08
C TYR A 116 3.05 8.12 -14.43
N ALA A 117 3.28 9.21 -15.15
CA ALA A 117 3.03 10.54 -14.59
C ALA A 117 1.78 11.22 -15.19
N PHE A 118 1.13 12.08 -14.39
CA PHE A 118 0.02 12.91 -14.86
C PHE A 118 0.55 14.33 -15.04
N GLU A 119 -0.15 15.11 -15.87
CA GLU A 119 0.20 16.52 -16.08
C GLU A 119 0.49 17.24 -14.77
N ARG A 120 1.59 18.00 -14.73
CA ARG A 120 1.96 18.79 -13.55
C ARG A 120 0.87 19.78 -13.19
N GLY A 121 0.73 20.06 -11.90
CA GLY A 121 -0.24 21.05 -11.40
C GLY A 121 -1.01 20.65 -10.16
N ASP A 122 -2.13 21.34 -9.91
CA ASP A 122 -2.91 21.11 -8.67
C ASP A 122 -4.25 20.41 -8.89
N ASN A 123 -4.43 19.85 -10.07
CA ASN A 123 -5.53 18.93 -10.33
C ASN A 123 -4.95 17.51 -10.29
N PRO A 124 -5.34 16.72 -9.26
CA PRO A 124 -4.81 15.35 -9.12
C PRO A 124 -5.24 14.40 -10.25
N PHE A 125 -6.31 14.78 -10.96
CA PHE A 125 -6.77 14.05 -12.13
C PHE A 125 -6.97 14.98 -13.34
N PRO A 126 -5.85 15.45 -13.95
CA PRO A 126 -5.96 16.43 -15.03
C PRO A 126 -6.48 15.77 -16.31
N LYS A 127 -7.38 16.46 -17.01
CA LYS A 127 -8.13 15.82 -18.08
C LYS A 127 -8.14 16.61 -19.37
N ASN A 128 -8.15 15.88 -20.48
CA ASN A 128 -8.26 16.50 -21.79
C ASN A 128 -9.66 17.02 -22.09
N ALA A 129 -9.80 17.59 -23.29
CA ALA A 129 -11.11 17.96 -23.82
C ALA A 129 -12.09 16.78 -23.74
N ASP A 130 -11.73 15.65 -24.35
CA ASP A 130 -12.59 14.45 -24.35
C ASP A 130 -12.89 13.82 -22.98
N GLY A 131 -12.27 14.33 -21.91
CA GLY A 131 -12.46 13.80 -20.56
C GLY A 131 -11.53 12.66 -20.16
N THR A 132 -10.65 12.23 -21.07
CA THR A 132 -9.59 11.24 -20.74
C THR A 132 -8.43 11.89 -19.95
N ILE A 133 -7.54 11.07 -19.40
CA ILE A 133 -6.44 11.61 -18.60
C ILE A 133 -5.40 12.33 -19.45
N ARG A 134 -4.90 13.44 -18.92
CA ARG A 134 -3.80 14.14 -19.53
C ARG A 134 -2.48 13.70 -18.87
N TYR A 135 -1.64 13.00 -19.64
CA TYR A 135 -0.37 12.50 -19.13
C TYR A 135 0.80 13.48 -19.26
N ASP A 136 1.82 13.22 -18.46
CA ASP A 136 3.11 13.89 -18.55
C ASP A 136 4.11 12.74 -18.78
N ALA A 137 5.15 12.98 -19.57
CA ALA A 137 6.05 11.89 -19.95
C ALA A 137 7.35 11.76 -19.13
N THR A 138 7.43 12.43 -17.97
CA THR A 138 8.59 12.28 -17.10
C THR A 138 8.77 10.78 -16.85
N HIS A 139 9.99 10.29 -17.10
CA HIS A 139 10.27 8.89 -16.87
C HIS A 139 10.44 8.63 -15.38
N TYR A 140 10.02 7.44 -14.93
CA TYR A 140 10.07 7.07 -13.49
C TYR A 140 11.50 7.03 -12.98
N LYS A 141 12.47 6.77 -13.88
CA LYS A 141 13.90 6.84 -13.49
C LYS A 141 14.35 8.24 -13.05
N ASP A 142 13.84 9.29 -13.72
CA ASP A 142 14.13 10.67 -13.30
C ASP A 142 13.46 11.01 -11.98
N THR A 143 12.25 10.51 -11.78
CA THR A 143 11.54 10.70 -10.52
C THR A 143 12.30 10.05 -9.36
N TRP A 144 12.85 8.85 -9.62
CA TRP A 144 13.57 8.09 -8.61
C TRP A 144 14.76 8.89 -8.11
N LYS A 145 15.48 9.54 -9.02
CA LYS A 145 16.69 10.25 -8.66
C LYS A 145 16.38 11.43 -7.75
N ALA A 146 15.26 12.10 -8.03
CA ALA A 146 14.77 13.19 -7.23
C ALA A 146 14.27 12.74 -5.84
N LEU A 147 13.66 11.55 -5.77
CA LEU A 147 13.28 10.94 -4.49
C LEU A 147 14.50 10.65 -3.61
N GLU A 148 15.62 10.35 -4.26
CA GLU A 148 16.87 10.05 -3.55
C GLU A 148 17.39 11.28 -2.78
N ALA A 149 17.25 12.46 -3.37
CA ALA A 149 17.65 13.69 -2.70
C ALA A 149 16.94 13.88 -1.36
N LEU A 150 15.71 13.35 -1.22
CA LEU A 150 14.92 13.46 0.03
C LEU A 150 15.46 12.63 1.20
N VAL A 151 16.06 11.49 0.89
CA VAL A 151 16.75 10.64 1.86
C VAL A 151 18.00 11.40 2.36
N ALA A 152 18.68 12.08 1.44
CA ALA A 152 19.84 12.90 1.79
C ALA A 152 19.46 14.12 2.65
N LYS A 153 18.22 14.58 2.54
CA LYS A 153 17.77 15.71 3.37
C LYS A 153 17.15 15.30 4.71
N GLY A 154 17.20 13.99 5.03
CA GLY A 154 16.66 13.48 6.30
C GLY A 154 15.14 13.44 6.36
N LEU A 155 14.50 13.54 5.19
CA LEU A 155 13.06 13.73 5.11
C LEU A 155 12.30 12.41 5.00
N VAL A 156 12.99 11.38 4.52
CA VAL A 156 12.46 10.04 4.30
C VAL A 156 13.58 9.05 4.58
N ARG A 157 13.27 8.02 5.36
N ARG A 157 13.27 8.03 5.38
CA ARG A 157 14.26 7.01 5.73
CA ARG A 157 14.25 7.00 5.74
C ARG A 157 14.44 5.94 4.66
C ARG A 157 14.45 6.01 4.59
N ALA A 158 13.35 5.55 4.01
CA ALA A 158 13.38 4.55 2.96
C ALA A 158 12.46 4.87 1.80
N LEU A 159 12.85 4.41 0.62
CA LEU A 159 12.07 4.61 -0.58
C LEU A 159 11.60 3.27 -1.13
N GLY A 160 10.50 3.29 -1.87
CA GLY A 160 10.03 2.08 -2.53
C GLY A 160 9.10 2.36 -3.69
N LEU A 161 8.49 1.30 -4.20
CA LEU A 161 7.71 1.36 -5.42
C LEU A 161 6.31 0.81 -5.17
N SER A 162 5.30 1.45 -5.76
CA SER A 162 3.92 0.95 -5.75
C SER A 162 3.44 0.70 -7.18
N ASN A 163 2.81 -0.46 -7.42
CA ASN A 163 2.28 -0.80 -8.76
C ASN A 163 3.37 -0.78 -9.86
N PHE A 164 4.55 -1.29 -9.53
CA PHE A 164 5.58 -1.48 -10.53
C PHE A 164 5.63 -2.94 -10.91
N SER A 165 5.93 -3.19 -12.18
CA SER A 165 6.14 -4.52 -12.68
C SER A 165 7.60 -4.93 -12.51
N SER A 166 7.90 -6.21 -12.76
CA SER A 166 9.26 -6.73 -12.60
C SER A 166 10.29 -6.01 -13.45
N ARG A 167 9.92 -5.71 -14.70
CA ARG A 167 10.80 -5.00 -15.63
C ARG A 167 11.08 -3.56 -15.21
N GLN A 168 10.05 -2.90 -14.68
CA GLN A 168 10.14 -1.53 -14.21
C GLN A 168 10.96 -1.44 -12.92
N ILE A 169 10.80 -2.42 -12.04
CA ILE A 169 11.64 -2.57 -10.85
C ILE A 169 13.12 -2.70 -11.25
N ASP A 170 13.40 -3.61 -12.17
CA ASP A 170 14.76 -3.83 -12.65
C ASP A 170 15.32 -2.58 -13.33
N ASP A 171 14.47 -1.88 -14.07
CA ASP A 171 14.85 -0.60 -14.66
C ASP A 171 15.24 0.42 -13.56
N VAL A 172 14.45 0.54 -12.49
CA VAL A 172 14.82 1.45 -11.37
C VAL A 172 16.15 1.01 -10.76
N LEU A 173 16.32 -0.29 -10.56
CA LEU A 173 17.55 -0.80 -9.92
C LEU A 173 18.82 -0.50 -10.73
N SER A 174 18.71 -0.44 -12.06
CA SER A 174 19.87 -0.12 -12.91
C SER A 174 20.44 1.29 -12.70
N VAL A 175 19.65 2.19 -12.08
CA VAL A 175 20.11 3.55 -11.79
C VAL A 175 20.03 3.95 -10.30
N ALA A 176 19.60 3.03 -9.44
CA ALA A 176 19.36 3.36 -8.05
C ALA A 176 20.66 3.46 -7.26
N SER A 177 20.91 4.65 -6.70
CA SER A 177 21.97 4.85 -5.69
C SER A 177 21.45 4.48 -4.29
N VAL A 178 20.17 4.82 -4.03
CA VAL A 178 19.45 4.34 -2.85
C VAL A 178 18.49 3.27 -3.35
N ARG A 179 18.65 2.04 -2.87
CA ARG A 179 17.86 0.91 -3.38
C ARG A 179 16.42 0.92 -2.87
N PRO A 180 15.42 0.66 -3.75
CA PRO A 180 14.07 0.51 -3.21
C PRO A 180 14.02 -0.60 -2.16
N ALA A 181 13.25 -0.36 -1.09
CA ALA A 181 13.19 -1.29 0.05
C ALA A 181 11.92 -2.13 0.06
N VAL A 182 10.86 -1.58 -0.52
CA VAL A 182 9.55 -2.23 -0.50
C VAL A 182 8.87 -2.07 -1.86
N LEU A 183 8.17 -3.11 -2.29
CA LEU A 183 7.16 -3.00 -3.34
C LEU A 183 5.77 -3.18 -2.71
N GLN A 184 4.87 -2.23 -2.98
CA GLN A 184 3.47 -2.36 -2.58
C GLN A 184 2.57 -2.63 -3.79
N VAL A 185 1.93 -3.80 -3.79
CA VAL A 185 0.99 -4.19 -4.85
C VAL A 185 -0.22 -4.89 -4.28
N GLU A 186 -1.28 -4.99 -5.08
CA GLU A 186 -2.45 -5.79 -4.74
C GLU A 186 -2.04 -7.24 -4.59
N CYS A 187 -2.46 -7.87 -3.49
CA CYS A 187 -2.10 -9.24 -3.27
C CYS A 187 -3.01 -9.93 -2.25
N HIS A 188 -3.45 -11.14 -2.60
CA HIS A 188 -4.40 -11.93 -1.81
C HIS A 188 -4.53 -13.29 -2.50
N PRO A 189 -5.25 -14.26 -1.92
CA PRO A 189 -5.30 -15.58 -2.58
C PRO A 189 -5.78 -15.65 -4.04
N TYR A 190 -6.56 -14.66 -4.51
CA TYR A 190 -6.96 -14.62 -5.94
C TYR A 190 -5.87 -14.07 -6.88
N LEU A 191 -4.96 -13.29 -6.32
CA LEU A 191 -3.84 -12.71 -7.07
C LEU A 191 -2.60 -12.87 -6.20
N ALA A 192 -2.02 -14.07 -6.19
CA ALA A 192 -0.99 -14.46 -5.22
C ALA A 192 0.35 -13.75 -5.39
N GLN A 193 0.57 -13.18 -6.59
CA GLN A 193 1.83 -12.47 -6.95
C GLN A 193 3.08 -13.30 -6.70
N ASN A 194 3.00 -14.60 -6.95
CA ASN A 194 4.08 -15.50 -6.55
C ASN A 194 5.38 -15.18 -7.27
N GLU A 195 5.27 -14.86 -8.55
CA GLU A 195 6.40 -14.60 -9.43
C GLU A 195 7.01 -13.25 -9.09
N LEU A 196 6.14 -12.25 -8.90
CA LEU A 196 6.60 -10.93 -8.50
C LEU A 196 7.20 -10.93 -7.08
N ILE A 197 6.61 -11.68 -6.15
CA ILE A 197 7.20 -11.82 -4.81
C ILE A 197 8.62 -12.43 -4.90
N ALA A 198 8.76 -13.55 -5.62
CA ALA A 198 10.07 -14.20 -5.85
C ALA A 198 11.09 -13.24 -6.47
N HIS A 199 10.63 -12.47 -7.45
CA HIS A 199 11.45 -11.45 -8.09
C HIS A 199 11.99 -10.42 -7.08
N CYS A 200 11.10 -9.95 -6.21
CA CYS A 200 11.46 -9.00 -5.14
C CYS A 200 12.43 -9.58 -4.11
N GLN A 201 12.19 -10.81 -3.69
CA GLN A 201 13.07 -11.51 -2.75
C GLN A 201 14.51 -11.54 -3.27
N ALA A 202 14.68 -11.91 -4.55
CA ALA A 202 15.98 -11.89 -5.25
C ALA A 202 16.67 -10.52 -5.26
N ARG A 203 15.89 -9.44 -5.28
CA ARG A 203 16.49 -8.11 -5.35
C ARG A 203 16.51 -7.32 -4.06
N GLY A 204 16.05 -7.94 -2.97
CA GLY A 204 16.10 -7.30 -1.67
C GLY A 204 14.92 -6.42 -1.30
N LEU A 205 13.83 -6.46 -2.08
CA LEU A 205 12.62 -5.70 -1.74
C LEU A 205 11.64 -6.56 -0.95
N GLU A 206 11.15 -6.04 0.17
CA GLU A 206 10.08 -6.69 0.90
C GLU A 206 8.78 -6.33 0.19
N VAL A 207 7.75 -7.16 0.31
CA VAL A 207 6.48 -6.92 -0.41
C VAL A 207 5.38 -6.55 0.57
N THR A 208 4.67 -5.46 0.29
CA THR A 208 3.41 -5.16 0.99
C THR A 208 2.18 -5.42 0.13
N ALA A 209 1.27 -6.23 0.68
CA ALA A 209 -0.02 -6.53 0.05
C ALA A 209 -1.09 -5.48 0.34
N TYR A 210 -1.48 -4.72 -0.69
CA TYR A 210 -2.64 -3.85 -0.54
C TYR A 210 -3.90 -4.60 -0.95
N SER A 211 -5.06 -4.11 -0.53
CA SER A 211 -6.33 -4.83 -0.71
C SER A 211 -6.21 -6.31 -0.29
N PRO A 212 -5.59 -6.57 0.89
CA PRO A 212 -5.34 -7.96 1.30
C PRO A 212 -6.65 -8.70 1.60
N LEU A 213 -7.73 -7.95 1.81
CA LEU A 213 -9.04 -8.52 2.10
C LEU A 213 -9.98 -8.49 0.88
N GLY A 214 -9.43 -8.18 -0.30
CA GLY A 214 -10.22 -8.11 -1.53
C GLY A 214 -11.01 -6.81 -1.70
N SER A 215 -10.66 -5.80 -0.94
CA SER A 215 -11.26 -4.48 -1.05
C SER A 215 -12.79 -4.51 -1.26
N SER A 216 -13.49 -5.28 -0.46
CA SER A 216 -14.89 -5.69 -0.75
C SER A 216 -15.94 -4.57 -0.89
N ASP A 217 -15.61 -3.36 -0.43
CA ASP A 217 -16.48 -2.20 -0.56
C ASP A 217 -15.90 -1.15 -1.55
N ARG A 218 -15.09 -1.63 -2.51
CA ARG A 218 -14.60 -0.79 -3.61
C ARG A 218 -15.75 -0.37 -4.55
N ALA A 219 -15.62 0.80 -5.17
CA ALA A 219 -16.66 1.35 -6.05
C ALA A 219 -16.77 0.56 -7.36
N TRP A 220 -17.99 0.46 -7.89
CA TRP A 220 -18.25 -0.16 -9.20
C TRP A 220 -17.72 -1.59 -9.33
N ARG A 221 -18.16 -2.46 -8.42
CA ARG A 221 -17.78 -3.86 -8.46
C ARG A 221 -18.59 -4.62 -9.50
N ASP A 222 -17.96 -5.61 -10.11
CA ASP A 222 -18.65 -6.57 -10.96
C ASP A 222 -19.40 -7.56 -10.07
N PRO A 223 -20.76 -7.56 -10.14
CA PRO A 223 -21.61 -8.47 -9.36
C PRO A 223 -21.35 -9.95 -9.65
N ASN A 224 -20.79 -10.23 -10.83
CA ASN A 224 -20.43 -11.59 -11.25
C ASN A 224 -19.10 -12.09 -10.69
N GLU A 225 -18.20 -11.16 -10.38
CA GLU A 225 -16.93 -11.50 -9.74
C GLU A 225 -17.15 -11.97 -8.31
N PRO A 226 -16.39 -13.00 -7.88
CA PRO A 226 -16.50 -13.53 -6.53
C PRO A 226 -16.05 -12.54 -5.47
N VAL A 227 -16.57 -12.73 -4.26
CA VAL A 227 -16.15 -11.97 -3.09
C VAL A 227 -15.18 -12.86 -2.31
N LEU A 228 -13.92 -12.44 -2.25
CA LEU A 228 -12.85 -13.19 -1.57
C LEU A 228 -13.16 -13.60 -0.10
N LEU A 229 -13.82 -12.70 0.64
CA LEU A 229 -14.24 -12.97 2.03
C LEU A 229 -15.32 -14.06 2.15
N GLU A 230 -16.04 -14.30 1.05
CA GLU A 230 -17.08 -15.35 0.99
C GLU A 230 -16.55 -16.66 0.41
N GLU A 231 -15.24 -16.72 0.15
CA GLU A 231 -14.62 -17.92 -0.43
C GLU A 231 -14.77 -19.17 0.46
N PRO A 232 -15.38 -20.26 -0.06
CA PRO A 232 -15.67 -21.46 0.74
C PRO A 232 -14.50 -22.00 1.55
N VAL A 233 -13.34 -22.08 0.91
CA VAL A 233 -12.09 -22.57 1.54
C VAL A 233 -11.69 -21.69 2.74
N VAL A 234 -11.79 -20.38 2.54
CA VAL A 234 -11.54 -19.41 3.59
C VAL A 234 -12.54 -19.59 4.74
N GLN A 235 -13.83 -19.66 4.41
CA GLN A 235 -14.91 -19.84 5.41
C GLN A 235 -14.73 -21.14 6.17
N ALA A 236 -14.28 -22.18 5.47
CA ALA A 236 -13.97 -23.48 6.05
C ALA A 236 -12.82 -23.41 7.06
N LEU A 237 -11.71 -22.77 6.67
CA LEU A 237 -10.59 -22.58 7.58
C LEU A 237 -10.96 -21.70 8.78
N ALA A 238 -11.77 -20.67 8.53
CA ALA A 238 -12.25 -19.77 9.57
C ALA A 238 -13.00 -20.53 10.66
N GLU A 239 -13.79 -21.47 10.25
CA GLU A 239 -14.55 -22.32 11.12
C GLU A 239 -13.60 -23.15 11.95
N LYS A 240 -12.74 -23.85 11.25
CA LYS A 240 -11.79 -24.77 11.87
C LYS A 240 -10.92 -24.11 12.94
N TYR A 241 -10.46 -22.89 12.65
CA TYR A 241 -9.57 -22.16 13.54
C TYR A 241 -10.28 -21.24 14.54
N ASN A 242 -11.61 -21.18 14.46
CA ASN A 242 -12.40 -20.26 15.28
C ASN A 242 -11.96 -18.78 15.10
N ARG A 243 -11.78 -18.39 13.84
CA ARG A 243 -11.30 -17.05 13.51
C ARG A 243 -12.20 -16.49 12.41
N SER A 244 -12.05 -15.20 12.10
CA SER A 244 -12.81 -14.61 11.01
C SER A 244 -12.19 -14.93 9.63
N PRO A 245 -13.01 -14.96 8.56
CA PRO A 245 -12.49 -14.99 7.18
C PRO A 245 -11.35 -13.99 6.91
N ALA A 246 -11.44 -12.78 7.46
CA ALA A 246 -10.40 -11.75 7.28
C ALA A 246 -9.08 -12.16 7.91
N GLN A 247 -9.15 -12.74 9.12
CA GLN A 247 -7.96 -13.26 9.80
C GLN A 247 -7.27 -14.41 9.03
N ILE A 248 -8.05 -15.23 8.34
CA ILE A 248 -7.50 -16.31 7.51
C ILE A 248 -6.69 -15.72 6.34
N LEU A 249 -7.27 -14.72 5.68
CA LEU A 249 -6.63 -14.01 4.56
C LEU A 249 -5.33 -13.35 4.95
N LEU A 250 -5.34 -12.67 6.10
CA LEU A 250 -4.16 -12.02 6.64
C LEU A 250 -3.09 -13.00 7.14
N ARG A 251 -3.53 -14.08 7.79
CA ARG A 251 -2.60 -15.11 8.29
C ARG A 251 -1.82 -15.74 7.13
N TRP A 252 -2.53 -16.12 6.07
CA TRP A 252 -1.93 -16.66 4.86
C TRP A 252 -0.75 -15.82 4.39
N GLN A 253 -0.95 -14.50 4.34
CA GLN A 253 0.09 -13.57 3.93
C GLN A 253 1.24 -13.44 4.93
N VAL A 254 0.94 -13.20 6.20
CA VAL A 254 2.02 -13.00 7.16
C VAL A 254 2.80 -14.31 7.38
N GLN A 255 2.14 -15.44 7.14
CA GLN A 255 2.83 -16.73 7.17
C GLN A 255 3.86 -16.81 6.03
N ARG A 256 3.53 -16.22 4.87
CA ARG A 256 4.44 -16.08 3.71
C ARG A 256 5.48 -14.96 3.92
N LYS A 257 5.39 -14.26 5.05
CA LYS A 257 6.21 -13.06 5.33
C LYS A 257 5.91 -11.90 4.36
N VAL A 258 4.64 -11.78 3.97
CA VAL A 258 4.16 -10.67 3.17
C VAL A 258 3.43 -9.71 4.10
N ILE A 259 3.87 -8.45 4.06
CA ILE A 259 3.29 -7.35 4.83
C ILE A 259 1.89 -7.03 4.29
N CYS A 260 0.96 -6.82 5.22
CA CYS A 260 -0.44 -6.56 4.86
C CYS A 260 -0.88 -5.28 5.51
N ILE A 261 -1.63 -4.50 4.76
CA ILE A 261 -2.15 -3.24 5.28
C ILE A 261 -3.68 -3.19 5.19
N PRO A 262 -4.38 -4.07 5.93
CA PRO A 262 -5.84 -4.05 5.79
C PRO A 262 -6.44 -2.74 6.32
N LYS A 263 -7.41 -2.20 5.59
CA LYS A 263 -8.08 -0.97 6.02
C LYS A 263 -9.34 -1.37 6.78
N SER A 264 -9.53 -0.70 7.91
CA SER A 264 -10.79 -0.72 8.63
C SER A 264 -10.94 0.55 9.47
N VAL A 265 -12.20 0.90 9.72
CA VAL A 265 -12.62 1.95 10.64
C VAL A 265 -13.39 1.32 11.84
N THR A 266 -13.81 0.06 11.67
CA THR A 266 -14.51 -0.69 12.72
C THR A 266 -13.52 -1.16 13.81
N PRO A 267 -13.62 -0.61 15.05
CA PRO A 267 -12.66 -0.99 16.10
C PRO A 267 -12.42 -2.51 16.27
N SER A 268 -13.48 -3.31 16.22
CA SER A 268 -13.39 -4.77 16.40
C SER A 268 -12.59 -5.48 15.29
N ARG A 269 -12.78 -5.04 14.05
CA ARG A 269 -12.03 -5.54 12.91
C ARG A 269 -10.57 -5.06 12.95
N ILE A 270 -10.36 -3.77 13.26
CA ILE A 270 -9.01 -3.26 13.46
C ILE A 270 -8.25 -4.20 14.42
N LEU A 271 -8.84 -4.47 15.58
CA LEU A 271 -8.23 -5.36 16.58
C LEU A 271 -7.97 -6.76 16.02
N GLN A 272 -9.00 -7.37 15.44
CA GLN A 272 -8.86 -8.74 14.95
C GLN A 272 -7.83 -8.88 13.80
N ASN A 273 -7.72 -7.83 12.97
CA ASN A 273 -6.78 -7.82 11.82
C ASN A 273 -5.29 -7.92 12.19
N ILE A 274 -4.94 -7.46 13.40
CA ILE A 274 -3.56 -7.54 13.90
C ILE A 274 -3.31 -8.84 14.72
N GLN A 275 -4.41 -9.53 15.06
CA GLN A 275 -4.31 -10.78 15.81
C GLN A 275 -4.24 -11.99 14.89
N VAL A 276 -3.08 -12.13 14.25
CA VAL A 276 -2.85 -13.10 13.19
C VAL A 276 -1.48 -13.80 13.35
N PHE A 277 -0.89 -13.65 14.54
CA PHE A 277 0.43 -14.18 14.86
C PHE A 277 0.37 -15.21 15.97
N ASP A 278 -0.81 -15.76 16.23
CA ASP A 278 -1.00 -16.71 17.33
C ASP A 278 -1.55 -18.05 16.85
N PHE A 279 -1.65 -18.21 15.53
CA PHE A 279 -1.99 -19.51 14.96
C PHE A 279 -1.19 -19.71 13.68
N THR A 280 -1.07 -20.97 13.23
CA THR A 280 -0.27 -21.34 12.06
C THR A 280 -1.07 -22.32 11.18
N PHE A 281 -1.07 -22.13 9.87
CA PHE A 281 -1.64 -23.11 8.96
C PHE A 281 -0.65 -24.26 8.67
N SER A 282 -1.20 -25.46 8.53
CA SER A 282 -0.41 -26.62 8.14
C SER A 282 0.11 -26.39 6.72
N PRO A 283 1.12 -27.17 6.30
CA PRO A 283 1.49 -27.11 4.87
C PRO A 283 0.31 -27.40 3.90
N GLU A 284 -0.57 -28.33 4.28
CA GLU A 284 -1.78 -28.67 3.48
C GLU A 284 -2.80 -27.53 3.39
N GLU A 285 -2.98 -26.81 4.49
CA GLU A 285 -3.88 -25.66 4.47
C GLU A 285 -3.32 -24.53 3.62
N MET A 286 -2.01 -24.29 3.72
CA MET A 286 -1.35 -23.31 2.88
C MET A 286 -1.60 -23.66 1.41
N LYS A 287 -1.47 -24.95 1.08
CA LYS A 287 -1.69 -25.47 -0.28
C LYS A 287 -3.12 -25.25 -0.81
N GLN A 288 -4.13 -25.47 0.06
CA GLN A 288 -5.51 -25.15 -0.25
C GLN A 288 -5.68 -23.68 -0.67
N LEU A 289 -5.02 -22.78 0.06
CA LEU A 289 -5.11 -21.34 -0.18
C LEU A 289 -4.31 -20.90 -1.41
N ASP A 290 -3.17 -21.56 -1.63
CA ASP A 290 -2.35 -21.34 -2.82
C ASP A 290 -3.07 -21.77 -4.10
N ALA A 291 -3.95 -22.76 -3.97
CA ALA A 291 -4.71 -23.28 -5.11
C ALA A 291 -5.79 -22.31 -5.63
N LEU A 292 -6.13 -21.30 -4.84
CA LEU A 292 -7.15 -20.30 -5.20
C LEU A 292 -6.66 -19.25 -6.20
N ASN A 293 -5.35 -19.19 -6.43
CA ASN A 293 -4.76 -18.17 -7.31
C ASN A 293 -5.44 -18.17 -8.69
N LYS A 294 -5.91 -17.05 -9.17
CA LYS A 294 -6.52 -17.03 -10.49
C LYS A 294 -6.39 -15.78 -11.35
N ASN A 295 -5.37 -15.00 -11.12
CA ASN A 295 -5.16 -13.73 -11.83
CA ASN A 295 -5.16 -13.77 -11.89
C ASN A 295 -6.42 -12.88 -11.86
N LEU A 296 -6.94 -12.63 -10.68
CA LEU A 296 -8.07 -11.76 -10.52
C LEU A 296 -7.65 -10.52 -9.76
N ARG A 297 -7.54 -9.45 -10.54
CA ARG A 297 -7.11 -8.16 -10.05
C ARG A 297 -8.36 -7.32 -9.80
N PHE A 298 -8.54 -6.86 -8.56
CA PHE A 298 -9.71 -6.03 -8.19
C PHE A 298 -9.46 -4.53 -8.36
N ILE A 299 -8.21 -4.12 -8.20
CA ILE A 299 -7.87 -2.70 -8.22
C ILE A 299 -7.26 -2.34 -9.57
N VAL A 300 -8.10 -1.76 -10.43
CA VAL A 300 -7.73 -1.31 -11.75
C VAL A 300 -8.27 0.12 -11.82
N PRO A 301 -7.39 1.12 -12.09
CA PRO A 301 -7.88 2.51 -12.16
C PRO A 301 -8.95 2.68 -13.23
N MET A 302 -10.06 3.32 -12.85
CA MET A 302 -11.22 3.50 -13.73
C MET A 302 -11.60 4.97 -13.89
N LEU A 303 -12.30 5.25 -15.00
CA LEU A 303 -12.80 6.59 -15.32
C LEU A 303 -14.19 6.53 -15.93
N THR A 304 -14.93 7.62 -15.76
CA THR A 304 -16.19 7.85 -16.49
C THR A 304 -15.93 8.77 -17.68
N VAL A 305 -15.99 8.22 -18.89
CA VAL A 305 -15.77 9.03 -20.10
C VAL A 305 -16.87 8.79 -21.13
N ASP A 306 -17.59 9.85 -21.41
CA ASP A 306 -18.69 9.84 -22.34
C ASP A 306 -19.79 8.85 -22.05
N GLY A 307 -20.15 8.78 -20.80
CA GLY A 307 -21.25 7.94 -20.37
C GLY A 307 -20.93 6.50 -20.02
N LYS A 308 -19.73 6.08 -20.37
CA LYS A 308 -19.35 4.75 -20.03
C LYS A 308 -18.17 4.69 -19.04
N ARG A 309 -18.15 3.66 -18.23
CA ARG A 309 -17.06 3.51 -17.26
C ARG A 309 -15.95 2.64 -17.83
N VAL A 310 -14.76 3.25 -17.94
CA VAL A 310 -13.66 2.71 -18.71
C VAL A 310 -12.39 2.67 -17.85
N PRO A 311 -11.48 1.70 -18.11
CA PRO A 311 -10.10 1.75 -17.60
C PRO A 311 -9.48 3.14 -17.78
N ARG A 312 -8.99 3.72 -16.68
CA ARG A 312 -8.29 5.01 -16.73
C ARG A 312 -7.00 4.94 -17.57
N ASP A 313 -6.15 3.96 -17.30
CA ASP A 313 -4.76 4.02 -17.78
C ASP A 313 -4.27 2.81 -18.54
N ALA A 314 -5.16 1.82 -18.72
CA ALA A 314 -4.76 0.51 -19.25
C ALA A 314 -4.06 0.55 -20.61
N GLY A 315 -4.28 1.60 -21.38
CA GLY A 315 -3.64 1.75 -22.69
C GLY A 315 -2.27 2.44 -22.68
N HIS A 316 -1.89 3.01 -21.53
CA HIS A 316 -0.61 3.73 -21.42
C HIS A 316 0.58 2.79 -21.69
N PRO A 317 1.54 3.22 -22.53
CA PRO A 317 2.75 2.41 -22.73
C PRO A 317 3.49 2.01 -21.43
N LEU A 318 3.40 2.82 -20.37
CA LEU A 318 4.05 2.52 -19.05
C LEU A 318 3.12 1.84 -18.01
N TYR A 319 1.91 1.46 -18.42
CA TYR A 319 1.00 0.72 -17.53
C TYR A 319 1.64 -0.59 -17.04
N PRO A 320 1.69 -0.81 -15.72
CA PRO A 320 2.42 -1.94 -15.12
C PRO A 320 1.85 -3.34 -15.38
N PHE A 321 0.54 -3.45 -15.59
CA PHE A 321 -0.15 -4.74 -15.49
C PHE A 321 -0.19 -5.53 -16.81
N ASN A 322 0.41 -4.99 -17.86
CA ASN A 322 0.45 -5.66 -19.16
C ASN A 322 1.44 -6.82 -19.26
N ASP A 323 2.65 -6.66 -18.71
CA ASP A 323 3.61 -7.76 -18.65
C ASP A 323 2.99 -8.92 -17.86
N PRO A 324 3.52 -10.14 -18.01
CA PRO A 324 3.07 -11.26 -17.18
C PRO A 324 3.26 -10.97 -15.67
N TYR A 325 4.34 -10.29 -15.29
CA TYR A 325 4.52 -9.78 -13.91
C TYR A 325 5.69 -8.79 -13.98
C TYR A 325 5.47 -8.57 -13.71
#